data_2MOA
#
_entry.id   2MOA
#
_entity_poly.entity_id   1
_entity_poly.type   'polypeptide(L)'
_entity_poly.pdbx_seq_one_letter_code
;G(81S)ASDPRCAWRC(NH2)
;
_entity_poly.pdbx_strand_id   A
#
loop_
_chem_comp.id
_chem_comp.type
_chem_comp.name
_chem_comp.formula
NH2 non-polymer 'AMINO GROUP' 'H2 N'
#
# COMPACT_ATOMS: atom_id res chain seq x y z
N GLY A 1 2.41 4.54 5.12
CA GLY A 1 1.05 4.92 4.69
C GLY A 1 0.80 4.52 3.27
N 81S A 2 0.21 3.35 3.03
CA 81S A 2 0.00 2.79 1.68
CB 81S A 2 0.83 1.50 1.55
CG 81S A 2 2.35 1.56 1.74
CD1 81S A 2 2.92 2.65 0.83
SE 81S A 2 4.61 2.37 0.20
SD2 81S A 2 2.96 1.70 3.43
C 81S A 2 -1.47 2.50 1.30
O 81S A 2 -1.73 1.93 0.24
H 81S A 2 -0.03 2.74 3.81
HA 81S A 2 0.35 3.49 0.92
H5 81S A 2 0.40 0.79 2.26
H6 81S A 2 0.65 1.09 0.56
H7 81S A 2 2.72 0.59 1.40
H8 81S A 2 2.29 2.78 -0.06
H9 81S A 2 2.92 3.60 1.36
N ALA A 3 -2.42 2.83 2.17
CA ALA A 3 -3.85 2.51 2.04
C ALA A 3 -4.53 2.93 0.71
N SER A 4 -3.94 3.89 -0.03
CA SER A 4 -4.40 4.40 -1.32
C SER A 4 -3.49 3.98 -2.50
N ASP A 5 -2.50 3.12 -2.25
CA ASP A 5 -1.50 2.64 -3.21
C ASP A 5 -1.32 1.10 -3.18
N PRO A 6 -2.23 0.33 -3.80
CA PRO A 6 -2.21 -1.15 -3.85
C PRO A 6 -0.85 -1.81 -4.12
N ARG A 7 -0.03 -1.25 -5.02
CA ARG A 7 1.35 -1.69 -5.35
C ARG A 7 2.36 -1.62 -4.21
N CYS A 8 1.99 -1.06 -3.07
CA CYS A 8 2.75 -1.10 -1.82
C CYS A 8 1.89 -1.57 -0.62
N ALA A 9 0.57 -1.49 -0.72
CA ALA A 9 -0.34 -1.81 0.38
C ALA A 9 -0.20 -3.25 0.93
N TRP A 10 0.22 -4.20 0.08
CA TRP A 10 0.60 -5.57 0.47
C TRP A 10 1.66 -5.63 1.59
N ARG A 11 2.50 -4.60 1.76
CA ARG A 11 3.51 -4.51 2.84
C ARG A 11 2.96 -3.94 4.15
N CYS A 12 1.94 -3.07 4.06
CA CYS A 12 1.50 -2.17 5.14
C CYS A 12 0.09 -2.44 5.70
N NH2 A 13 -0.23 -1.89 6.86
HN1 NH2 A 13 0.45 -1.32 7.35
HN2 NH2 A 13 -1.15 -2.06 7.24
N GLY A 1 1.73 5.65 5.50
CA GLY A 1 0.77 4.58 5.19
C GLY A 1 0.66 4.35 3.70
N 81S A 2 0.01 3.26 3.28
CA 81S A 2 -0.04 2.82 1.86
CB 81S A 2 0.76 1.51 1.73
CG 81S A 2 2.26 1.53 2.03
CD1 81S A 2 2.94 2.64 1.20
SE 81S A 2 4.63 2.31 0.63
SD2 81S A 2 2.72 1.59 3.78
C 81S A 2 -1.45 2.56 1.27
O 81S A 2 -1.57 2.08 0.14
H 81S A 2 -0.33 2.63 3.99
HA 81S A 2 0.40 3.58 1.21
H5 81S A 2 0.25 0.79 2.35
H6 81S A 2 0.66 1.17 0.70
H7 81S A 2 2.65 0.57 1.68
H8 81S A 2 2.35 2.86 0.31
H9 81S A 2 2.94 3.57 1.78
N ALA A 3 -2.51 2.81 2.04
CA ALA A 3 -3.88 2.36 1.70
C ALA A 3 -4.41 2.85 0.33
N SER A 4 -4.00 4.04 -0.13
CA SER A 4 -4.33 4.57 -1.47
C SER A 4 -3.42 4.04 -2.60
N ASP A 5 -2.38 3.25 -2.29
CA ASP A 5 -1.42 2.67 -3.23
C ASP A 5 -1.34 1.13 -3.08
N PRO A 6 -2.30 0.36 -3.65
CA PRO A 6 -2.32 -1.12 -3.63
C PRO A 6 -0.99 -1.81 -3.93
N ARG A 7 -0.16 -1.25 -4.84
CA ARG A 7 1.21 -1.70 -5.15
C ARG A 7 2.14 -1.79 -3.93
N CYS A 8 1.97 -0.92 -2.92
CA CYS A 8 2.72 -0.97 -1.66
C CYS A 8 1.86 -1.46 -0.48
N ALA A 9 0.54 -1.37 -0.58
CA ALA A 9 -0.37 -1.86 0.46
C ALA A 9 -0.06 -3.33 0.84
N TRP A 10 0.37 -4.09 -0.17
CA TRP A 10 1.16 -5.32 -0.16
C TRP A 10 2.03 -5.56 1.09
N ARG A 11 2.75 -4.54 1.58
CA ARG A 11 3.68 -4.57 2.74
C ARG A 11 3.01 -4.12 4.05
N CYS A 12 1.98 -3.28 3.98
CA CYS A 12 1.46 -2.49 5.10
C CYS A 12 0.09 -2.94 5.63
N NH2 A 13 -0.59 -3.88 4.99
HN1 NH2 A 13 -0.21 -4.30 4.15
HN2 NH2 A 13 -1.50 -4.14 5.33
N GLY A 1 -1.00 5.98 5.46
CA GLY A 1 -0.23 4.74 5.25
C GLY A 1 0.00 4.49 3.78
N 81S A 2 -0.28 3.27 3.33
CA 81S A 2 -0.17 2.82 1.92
CB 81S A 2 0.77 1.60 1.80
CG 81S A 2 2.17 1.63 2.41
CD1 81S A 2 2.89 2.88 1.92
SE 81S A 2 3.33 3.04 0.17
SD2 81S A 2 2.31 1.46 4.22
C 81S A 2 -1.52 2.43 1.28
O 81S A 2 -1.55 2.00 0.14
H 81S A 2 -0.64 2.59 4.00
HA 81S A 2 0.24 3.63 1.30
H5 81S A 2 0.23 0.74 2.19
H6 81S A 2 0.89 1.41 0.73
H7 81S A 2 2.71 0.76 2.02
H8 81S A 2 2.29 3.76 2.18
H9 81S A 2 3.83 2.97 2.48
N ALA A 3 -2.63 2.49 2.03
CA ALA A 3 -3.93 1.97 1.59
C ALA A 3 -4.41 2.56 0.23
N SER A 4 -4.02 3.81 -0.08
CA SER A 4 -4.26 4.45 -1.38
C SER A 4 -3.32 4.02 -2.51
N ASP A 5 -2.22 3.33 -2.21
CA ASP A 5 -1.21 2.82 -3.15
C ASP A 5 -1.23 1.27 -3.14
N PRO A 6 -2.13 0.60 -3.89
CA PRO A 6 -2.34 -0.85 -3.82
C PRO A 6 -1.05 -1.68 -3.98
N ARG A 7 -0.17 -1.30 -4.91
CA ARG A 7 1.14 -1.95 -5.14
C ARG A 7 2.04 -1.96 -3.90
N CYS A 8 1.85 -1.00 -2.99
CA CYS A 8 2.59 -0.83 -1.73
C CYS A 8 1.82 -1.35 -0.51
N ALA A 9 0.48 -1.27 -0.54
CA ALA A 9 -0.39 -1.75 0.52
C ALA A 9 -0.06 -3.21 0.91
N TRP A 10 0.32 -4.02 -0.08
CA TRP A 10 0.99 -5.33 0.03
C TRP A 10 1.97 -5.49 1.21
N ARG A 11 2.89 -4.55 1.41
CA ARG A 11 3.97 -4.62 2.42
C ARG A 11 3.73 -3.68 3.61
N CYS A 12 2.51 -3.14 3.71
CA CYS A 12 2.17 -2.07 4.67
C CYS A 12 2.00 -2.56 6.12
N NH2 A 13 2.47 -1.79 7.08
HN1 NH2 A 13 2.95 -0.92 6.86
HN2 NH2 A 13 2.37 -2.08 8.04
N GLY A 1 1.77 5.82 4.91
CA GLY A 1 0.98 4.56 4.87
C GLY A 1 0.59 4.21 3.45
N 81S A 2 0.10 3.00 3.19
CA 81S A 2 0.00 2.42 1.83
CB 81S A 2 0.95 1.21 1.72
CG 81S A 2 2.43 1.37 2.10
CD1 81S A 2 3.05 2.46 1.22
SE 81S A 2 4.64 2.07 0.45
SD2 81S A 2 2.80 1.62 3.87
C 81S A 2 -1.42 2.01 1.39
O 81S A 2 -1.58 1.50 0.28
H 81S A 2 -0.10 2.37 3.98
HA 81S A 2 0.33 3.17 1.11
H5 81S A 2 0.50 0.39 2.27
H6 81S A 2 0.93 0.89 0.68
H7 81S A 2 2.92 0.41 1.87
H8 81S A 2 2.37 2.71 0.40
H9 81S A 2 3.15 3.38 1.81
N ALA A 3 -2.42 2.21 2.24
CA ALA A 3 -3.82 1.82 1.98
C ALA A 3 -4.38 2.30 0.63
N SER A 4 -3.91 3.46 0.13
CA SER A 4 -4.28 4.06 -1.17
C SER A 4 -3.17 3.97 -2.25
N ASP A 5 -2.16 3.11 -2.05
CA ASP A 5 -1.11 2.79 -3.04
C ASP A 5 -1.18 1.28 -3.38
N PRO A 6 -2.01 0.87 -4.36
CA PRO A 6 -2.28 -0.55 -4.68
C PRO A 6 -1.04 -1.44 -4.89
N ARG A 7 0.08 -0.87 -5.33
CA ARG A 7 1.36 -1.57 -5.52
C ARG A 7 2.14 -1.81 -4.22
N CYS A 8 1.90 -1.04 -3.14
CA CYS A 8 2.60 -1.15 -1.86
C CYS A 8 1.70 -1.63 -0.72
N ALA A 9 0.37 -1.65 -0.91
CA ALA A 9 -0.58 -1.94 0.16
C ALA A 9 -0.28 -3.26 0.89
N TRP A 10 0.14 -4.32 0.18
CA TRP A 10 0.63 -5.60 0.73
C TRP A 10 1.70 -5.49 1.83
N ARG A 11 2.58 -4.47 1.76
CA ARG A 11 3.70 -4.22 2.68
C ARG A 11 3.22 -3.65 4.02
N CYS A 12 2.03 -3.03 4.02
CA CYS A 12 1.39 -2.43 5.17
C CYS A 12 -0.04 -2.99 5.37
N NH2 A 13 -0.91 -2.30 6.08
HN1 NH2 A 13 -0.64 -1.42 6.51
HN2 NH2 A 13 -1.84 -2.66 6.21
N GLY A 1 2.38 5.94 4.96
CA GLY A 1 1.43 4.84 4.78
C GLY A 1 1.35 4.41 3.34
N 81S A 2 0.89 3.19 3.10
CA 81S A 2 0.82 2.55 1.77
CB 81S A 2 1.89 1.42 1.68
CG 81S A 2 3.35 1.69 2.09
CD1 81S A 2 3.95 2.80 1.20
SE 81S A 2 4.97 2.29 -0.21
SD2 81S A 2 3.65 2.01 3.85
C 81S A 2 -0.56 1.99 1.39
O 81S A 2 -0.75 1.52 0.26
H 81S A 2 0.56 2.66 3.90
HA 81S A 2 1.05 3.30 1.00
H5 81S A 2 1.52 0.54 2.19
H6 81S A 2 1.90 1.12 0.65
H7 81S A 2 3.92 0.77 1.90
H8 81S A 2 3.16 3.47 0.85
H9 81S A 2 4.59 3.42 1.83
N ALA A 3 -1.54 1.96 2.31
CA ALA A 3 -2.88 1.38 2.10
C ALA A 3 -3.61 1.90 0.84
N SER A 4 -3.47 3.19 0.51
CA SER A 4 -4.06 3.82 -0.69
C SER A 4 -3.22 3.65 -1.96
N ASP A 5 -2.13 2.87 -1.94
CA ASP A 5 -1.23 2.62 -3.07
C ASP A 5 -1.36 1.14 -3.54
N PRO A 6 -2.06 0.84 -4.65
CA PRO A 6 -2.35 -0.53 -5.09
C PRO A 6 -1.13 -1.47 -5.19
N ARG A 7 0.08 -0.92 -5.37
CA ARG A 7 1.34 -1.65 -5.53
C ARG A 7 2.17 -1.75 -4.24
N CYS A 8 1.83 -1.00 -3.18
CA CYS A 8 2.54 -1.02 -1.89
C CYS A 8 1.62 -1.40 -0.72
N ALA A 9 0.31 -1.47 -0.94
CA ALA A 9 -0.67 -1.80 0.09
C ALA A 9 -0.51 -3.21 0.70
N TRP A 10 0.34 -4.06 0.11
CA TRP A 10 0.81 -5.32 0.69
C TRP A 10 1.63 -5.12 1.99
N ARG A 11 2.44 -4.04 2.08
CA ARG A 11 3.47 -3.86 3.12
C ARG A 11 2.91 -3.29 4.42
N CYS A 12 1.96 -2.36 4.30
CA CYS A 12 1.46 -1.54 5.41
C CYS A 12 -0.05 -1.67 5.60
N NH2 A 13 -0.55 -1.62 6.83
HN1 NH2 A 13 0.06 -1.58 7.63
HN2 NH2 A 13 -1.55 -1.65 6.96
N GLY A 1 0.93 6.57 4.70
CA GLY A 1 1.17 5.12 4.62
C GLY A 1 1.05 4.63 3.20
N 81S A 2 0.48 3.43 3.02
CA 81S A 2 0.40 2.74 1.72
CB 81S A 2 1.17 1.40 1.82
CG 81S A 2 2.64 1.39 2.29
CD1 81S A 2 3.47 2.35 1.40
SE 81S A 2 5.04 1.71 0.76
SD2 81S A 2 2.90 1.66 4.05
C 81S A 2 -1.04 2.46 1.22
O 81S A 2 -1.22 1.95 0.12
H 81S A 2 0.19 2.92 3.85
HA 81S A 2 0.86 3.34 0.95
H5 81S A 2 0.60 0.73 2.48
H6 81S A 2 1.14 0.95 0.84
H7 81S A 2 3.00 0.37 2.11
H8 81S A 2 2.89 2.65 0.53
H9 81S A 2 3.65 3.27 1.96
N ALA A 3 -2.06 2.73 2.04
CA ALA A 3 -3.42 2.19 1.86
C ALA A 3 -4.12 2.63 0.55
N SER A 4 -3.77 3.79 0.00
CA SER A 4 -4.30 4.29 -1.29
C SER A 4 -3.43 3.93 -2.51
N ASP A 5 -2.34 3.18 -2.32
CA ASP A 5 -1.46 2.65 -3.37
C ASP A 5 -1.38 1.11 -3.28
N PRO A 6 -2.23 0.37 -4.01
CA PRO A 6 -2.28 -1.10 -3.97
C PRO A 6 -0.94 -1.79 -4.23
N ARG A 7 -0.03 -1.14 -4.97
CA ARG A 7 1.34 -1.62 -5.23
C ARG A 7 2.25 -1.66 -3.99
N CYS A 8 1.92 -1.00 -2.88
CA CYS A 8 2.58 -1.18 -1.58
C CYS A 8 1.62 -1.57 -0.44
N ALA A 9 0.30 -1.47 -0.63
CA ALA A 9 -0.66 -1.66 0.46
C ALA A 9 -0.52 -3.01 1.20
N TRP A 10 -0.16 -4.07 0.47
CA TRP A 10 0.18 -5.41 0.97
C TRP A 10 1.38 -5.47 1.94
N ARG A 11 2.31 -4.50 1.85
CA ARG A 11 3.46 -4.36 2.78
C ARG A 11 3.01 -3.84 4.14
N CYS A 12 1.95 -3.03 4.17
CA CYS A 12 1.40 -2.35 5.34
C CYS A 12 -0.03 -2.84 5.65
N NH2 A 13 -0.27 -4.15 5.60
HN1 NH2 A 13 0.46 -4.81 5.41
HN2 NH2 A 13 -1.20 -4.49 5.80
N GLY A 1 0.25 6.04 4.94
CA GLY A 1 0.72 4.66 4.87
C GLY A 1 0.74 4.20 3.43
N 81S A 2 0.20 3.03 3.13
CA 81S A 2 0.15 2.46 1.78
CB 81S A 2 1.13 1.26 1.69
CG 81S A 2 2.61 1.49 1.99
CD1 81S A 2 3.15 2.59 1.06
SE 81S A 2 4.70 2.22 0.20
SD2 81S A 2 3.07 1.75 3.74
C 81S A 2 -1.25 1.97 1.31
O 81S A 2 -1.37 1.49 0.19
H 81S A 2 -0.20 2.48 3.89
HA 81S A 2 0.44 3.21 1.05
H5 81S A 2 0.74 0.46 2.31
H6 81S A 2 1.07 0.89 0.66
H7 81S A 2 3.12 0.55 1.74
H8 81S A 2 2.42 2.83 0.29
H9 81S A 2 3.28 3.51 1.66
N ALA A 3 -2.28 2.05 2.14
CA ALA A 3 -3.64 1.54 1.82
C ALA A 3 -4.18 2.02 0.46
N SER A 4 -3.93 3.29 0.10
CA SER A 4 -4.30 3.92 -1.17
C SER A 4 -3.14 3.97 -2.20
N ASP A 5 -2.12 3.12 -2.04
CA ASP A 5 -1.04 2.85 -3.00
C ASP A 5 -1.18 1.38 -3.48
N PRO A 6 -1.86 1.13 -4.61
CA PRO A 6 -2.31 -0.22 -5.03
C PRO A 6 -1.22 -1.29 -5.19
N ARG A 7 0.06 -0.90 -5.32
CA ARG A 7 1.22 -1.81 -5.42
C ARG A 7 2.19 -1.71 -4.23
N CYS A 8 1.83 -1.03 -3.15
CA CYS A 8 2.56 -1.07 -1.87
C CYS A 8 1.68 -1.52 -0.69
N ALA A 9 0.35 -1.50 -0.84
CA ALA A 9 -0.58 -1.78 0.26
C ALA A 9 -0.32 -3.11 0.97
N TRP A 10 -0.03 -4.18 0.24
CA TRP A 10 0.42 -5.49 0.76
C TRP A 10 1.52 -5.42 1.84
N ARG A 11 2.46 -4.46 1.71
CA ARG A 11 3.63 -4.31 2.59
C ARG A 11 3.27 -3.71 3.95
N CYS A 12 2.16 -2.97 4.04
CA CYS A 12 1.76 -2.24 5.25
C CYS A 12 0.38 -2.67 5.80
N NH2 A 13 0.08 -2.29 7.03
HN1 NH2 A 13 0.74 -1.75 7.57
HN2 NH2 A 13 -0.86 -2.45 7.38
N GLY A 1 0.83 5.84 5.28
CA GLY A 1 0.91 4.41 4.97
C GLY A 1 0.76 4.20 3.47
N 81S A 2 0.28 3.01 3.07
CA 81S A 2 0.27 2.53 1.68
CB 81S A 2 1.29 1.38 1.57
CG 81S A 2 2.77 1.64 1.93
CD1 81S A 2 3.33 2.92 1.27
SE 81S A 2 4.04 2.84 -0.41
SD2 81S A 2 3.11 1.66 3.70
C 81S A 2 -1.12 2.10 1.15
O 81S A 2 -1.24 1.73 -0.01
H 81S A 2 -0.01 2.35 3.80
HA 81S A 2 0.58 3.34 1.01
H5 81S A 2 0.93 0.55 2.19
H6 81S A 2 1.25 1.02 0.55
H7 81S A 2 3.35 0.79 1.54
H8 81S A 2 2.57 3.70 1.28
H9 81S A 2 4.12 3.31 1.92
N ALA A 3 -2.16 2.13 1.99
CA ALA A 3 -3.53 1.69 1.67
C ALA A 3 -4.15 2.38 0.42
N SER A 4 -3.77 3.62 0.12
CA SER A 4 -4.19 4.38 -1.06
C SER A 4 -3.35 4.09 -2.32
N ASP A 5 -2.33 3.21 -2.26
CA ASP A 5 -1.43 2.89 -3.37
C ASP A 5 -1.50 1.39 -3.76
N PRO A 6 -1.93 1.06 -4.99
CA PRO A 6 -2.15 -0.32 -5.41
C PRO A 6 -0.95 -1.28 -5.30
N ARG A 7 0.30 -0.81 -5.20
CA ARG A 7 1.50 -1.66 -5.38
C ARG A 7 2.41 -1.69 -4.17
N CYS A 8 2.03 -1.01 -3.10
CA CYS A 8 2.69 -1.12 -1.79
C CYS A 8 1.75 -1.43 -0.61
N ALA A 9 0.43 -1.40 -0.78
CA ALA A 9 -0.54 -1.83 0.23
C ALA A 9 -0.28 -3.25 0.79
N TRP A 10 0.26 -4.17 -0.05
CA TRP A 10 0.69 -5.51 0.37
C TRP A 10 1.62 -5.52 1.60
N ARG A 11 2.50 -4.50 1.72
CA ARG A 11 3.60 -4.42 2.71
C ARG A 11 3.17 -3.86 4.06
N CYS A 12 2.05 -3.15 4.11
CA CYS A 12 1.65 -2.30 5.25
C CYS A 12 0.28 -2.66 5.84
N NH2 A 13 -0.64 -3.24 5.08
HN1 NH2 A 13 -0.46 -3.40 4.10
HN2 NH2 A 13 -1.54 -3.47 5.48
N GLY A 1 3.49 6.64 3.90
CA GLY A 1 2.34 5.72 3.87
C GLY A 1 2.01 5.26 2.47
N 81S A 2 1.55 4.02 2.35
CA 81S A 2 1.13 3.36 1.09
CB 81S A 2 2.07 2.18 0.78
CG 81S A 2 3.60 2.29 0.90
CD1 81S A 2 4.08 3.49 0.06
SE 81S A 2 4.68 3.11 -1.61
SD2 81S A 2 4.18 2.27 2.62
C 81S A 2 -0.29 2.75 1.13
O 81S A 2 -0.66 1.94 0.27
H 81S A 2 1.43 3.50 3.22
HA 81S A 2 1.13 4.07 0.27
H5 81S A 2 1.75 1.39 1.44
H6 81S A 2 1.83 1.84 -0.22
H7 81S A 2 4.03 1.39 0.46
H8 81S A 2 3.27 4.22 -0.05
H9 81S A 2 4.88 4.00 0.60
N ALA A 3 -1.03 2.99 2.21
CA ALA A 3 -2.20 2.24 2.67
C ALA A 3 -3.33 2.06 1.63
N SER A 4 -3.40 2.91 0.59
CA SER A 4 -4.36 2.81 -0.53
C SER A 4 -3.68 2.73 -1.91
N ASP A 5 -2.37 2.50 -1.99
CA ASP A 5 -1.59 2.47 -3.24
C ASP A 5 -1.65 1.09 -3.93
N PRO A 6 -1.96 1.00 -5.23
CA PRO A 6 -2.09 -0.28 -5.94
C PRO A 6 -0.87 -1.20 -5.97
N ARG A 7 0.36 -0.72 -5.69
CA ARG A 7 1.61 -1.48 -5.86
C ARG A 7 2.47 -1.55 -4.60
N CYS A 8 2.07 -0.86 -3.53
CA CYS A 8 2.80 -0.87 -2.27
C CYS A 8 1.95 -0.95 -0.99
N ALA A 9 0.65 -1.26 -1.09
CA ALA A 9 -0.21 -1.48 0.08
C ALA A 9 -0.15 -2.92 0.65
N TRP A 10 0.67 -3.81 0.10
CA TRP A 10 0.74 -5.22 0.52
C TRP A 10 1.19 -5.39 1.98
N ARG A 11 2.30 -4.77 2.41
CA ARG A 11 2.76 -4.78 3.82
C ARG A 11 2.39 -3.52 4.61
N CYS A 12 2.33 -2.35 3.99
CA CYS A 12 2.01 -1.10 4.68
C CYS A 12 0.56 -1.04 5.19
N NH2 A 13 0.32 -0.37 6.32
HN1 NH2 A 13 1.08 0.04 6.83
HN2 NH2 A 13 -0.64 -0.28 6.63
N GLY A 1 1.97 5.94 4.96
CA GLY A 1 1.24 4.67 4.88
C GLY A 1 0.90 4.35 3.44
N 81S A 2 0.78 3.08 3.08
CA 81S A 2 0.70 2.60 1.69
CB 81S A 2 1.77 1.52 1.43
CG 81S A 2 3.26 1.86 1.66
CD1 81S A 2 3.70 3.06 0.81
SE 81S A 2 4.42 2.71 -0.83
SD2 81S A 2 3.73 2.07 3.40
C 81S A 2 -0.70 2.09 1.26
O 81S A 2 -0.89 1.71 0.10
H 81S A 2 0.81 2.37 3.81
HA 81S A 2 0.89 3.44 1.01
H5 81S A 2 1.52 0.64 2.00
H6 81S A 2 1.67 1.22 0.39
H7 81S A 2 3.86 1.00 1.31
H8 81S A 2 2.89 3.78 0.68
H9 81S A 2 4.46 3.60 1.36
N ALA A 3 -1.65 2.05 2.20
CA ALA A 3 -3.02 1.56 2.06
C ALA A 3 -3.73 1.95 0.75
N SER A 4 -3.51 3.18 0.27
CA SER A 4 -4.18 3.78 -0.88
C SER A 4 -3.37 3.68 -2.19
N ASP A 5 -2.22 2.99 -2.19
CA ASP A 5 -1.30 2.89 -3.32
C ASP A 5 -1.38 1.51 -4.02
N PRO A 6 -1.58 1.43 -5.35
CA PRO A 6 -1.78 0.20 -6.11
C PRO A 6 -0.69 -0.89 -6.01
N ARG A 7 0.54 -0.59 -5.58
CA ARG A 7 1.69 -1.50 -5.70
C ARG A 7 2.53 -1.66 -4.42
N CYS A 8 2.07 -1.09 -3.30
CA CYS A 8 2.71 -1.24 -1.99
C CYS A 8 1.75 -1.39 -0.79
N ALA A 9 0.42 -1.37 -0.98
CA ALA A 9 -0.55 -1.57 0.10
C ALA A 9 -0.41 -2.94 0.79
N TRP A 10 0.03 -3.97 0.05
CA TRP A 10 0.39 -5.30 0.61
C TRP A 10 1.45 -5.25 1.71
N ARG A 11 2.35 -4.26 1.73
CA ARG A 11 3.38 -4.09 2.77
C ARG A 11 2.74 -3.58 4.06
N CYS A 12 2.13 -2.39 4.00
CA CYS A 12 1.82 -1.58 5.19
C CYS A 12 0.38 -1.75 5.70
N NH2 A 13 -0.56 -2.17 4.87
HN1 NH2 A 13 -0.34 -2.39 3.91
HN2 NH2 A 13 -1.51 -2.22 5.19
N GLY A 1 2.89 6.12 4.04
CA GLY A 1 1.82 5.11 4.09
C GLY A 1 1.50 4.62 2.70
N 81S A 2 1.02 3.39 2.58
CA 81S A 2 0.81 2.68 1.31
CB 81S A 2 1.81 1.50 1.21
CG 81S A 2 3.31 1.75 1.44
CD1 81S A 2 3.87 2.91 0.60
SE 81S A 2 4.59 2.51 -1.01
SD2 81S A 2 3.76 1.94 3.19
C 81S A 2 -0.65 2.16 1.11
O 81S A 2 -0.93 1.58 0.07
H 81S A 2 0.88 2.86 3.44
HA 81S A 2 0.99 3.36 0.48
H5 81S A 2 1.48 0.73 1.91
H6 81S A 2 1.69 1.07 0.22
H7 81S A 2 3.85 0.85 1.13
H8 81S A 2 3.12 3.69 0.48
H9 81S A 2 4.67 3.38 1.17
N ALA A 3 -1.54 2.31 2.09
CA ALA A 3 -2.86 1.67 2.14
C ALA A 3 -3.73 1.83 0.87
N SER A 4 -3.67 2.99 0.21
CA SER A 4 -4.38 3.27 -1.06
C SER A 4 -3.42 3.41 -2.26
N ASP A 5 -2.19 2.93 -2.12
CA ASP A 5 -1.15 2.98 -3.15
C ASP A 5 -1.19 1.71 -4.04
N PRO A 6 -1.27 1.86 -5.38
CA PRO A 6 -1.31 0.74 -6.33
C PRO A 6 -0.16 -0.27 -6.25
N ARG A 7 1.00 0.07 -5.66
CA ARG A 7 2.25 -0.72 -5.74
C ARG A 7 2.54 -1.55 -4.48
N CYS A 8 2.08 -1.07 -3.32
CA CYS A 8 2.68 -1.41 -2.03
C CYS A 8 1.70 -1.58 -0.85
N ALA A 9 0.39 -1.45 -1.04
CA ALA A 9 -0.61 -1.56 0.03
C ALA A 9 -0.57 -2.87 0.83
N TRP A 10 -0.22 -3.98 0.17
CA TRP A 10 0.04 -5.30 0.77
C TRP A 10 1.13 -5.30 1.85
N ARG A 11 2.08 -4.34 1.83
CA ARG A 11 3.25 -4.27 2.71
C ARG A 11 2.99 -3.54 4.02
N CYS A 12 2.07 -2.58 4.02
CA CYS A 12 1.86 -1.65 5.14
C CYS A 12 0.47 -1.83 5.78
N NH2 A 13 0.41 -2.36 6.99
HN1 NH2 A 13 1.27 -2.63 7.47
HN2 NH2 A 13 -0.48 -2.50 7.43
N GLY A 1 -0.01 5.45 6.13
CA GLY A 1 0.16 4.11 5.56
C GLY A 1 0.19 4.13 4.04
N 81S A 2 -0.19 3.03 3.42
CA 81S A 2 -0.07 2.74 1.97
CB 81S A 2 0.92 1.56 1.79
CG 81S A 2 2.36 1.74 2.28
CD1 81S A 2 2.97 3.04 1.72
SE 81S A 2 3.33 3.14 -0.06
SD2 81S A 2 2.58 1.63 4.07
C 81S A 2 -1.40 2.38 1.28
O 81S A 2 -1.42 2.03 0.10
H 81S A 2 -0.49 2.24 4.01
HA 81S A 2 0.31 3.62 1.44
H5 81S A 2 0.48 0.69 2.27
H6 81S A 2 0.96 1.34 0.73
H7 81S A 2 2.95 0.91 1.87
H8 81S A 2 2.32 3.88 1.97
H9 81S A 2 3.91 3.23 2.24
N ALA A 3 -2.51 2.46 2.00
CA ALA A 3 -3.86 2.05 1.58
C ALA A 3 -4.39 2.77 0.31
N SER A 4 -3.83 3.92 -0.05
CA SER A 4 -4.12 4.65 -1.31
C SER A 4 -3.28 4.15 -2.49
N ASP A 5 -2.29 3.28 -2.25
CA ASP A 5 -1.37 2.67 -3.22
C ASP A 5 -1.39 1.13 -3.14
N PRO A 6 -2.21 0.43 -3.94
CA PRO A 6 -2.36 -1.02 -3.87
C PRO A 6 -1.07 -1.84 -4.01
N ARG A 7 -0.15 -1.43 -4.90
CA ARG A 7 1.17 -2.08 -5.10
C ARG A 7 2.15 -1.90 -3.94
N CYS A 8 1.77 -1.10 -2.94
CA CYS A 8 2.50 -0.85 -1.69
C CYS A 8 1.73 -1.35 -0.46
N ALA A 9 0.40 -1.34 -0.52
CA ALA A 9 -0.47 -1.92 0.50
C ALA A 9 -0.10 -3.39 0.81
N TRP A 10 0.44 -4.08 -0.19
CA TRP A 10 1.28 -5.29 -0.15
C TRP A 10 2.11 -5.49 1.13
N ARG A 11 2.76 -4.43 1.63
CA ARG A 11 3.68 -4.45 2.79
C ARG A 11 3.09 -3.87 4.08
N CYS A 12 1.88 -3.29 4.02
CA CYS A 12 1.25 -2.56 5.13
C CYS A 12 -0.12 -3.09 5.57
N NH2 A 13 -0.79 -3.93 4.80
HN1 NH2 A 13 -0.39 -4.23 3.92
HN2 NH2 A 13 -1.68 -4.28 5.09
N GLY A 1 1.56 6.79 3.69
CA GLY A 1 0.96 5.52 4.09
C GLY A 1 0.45 4.76 2.89
N 81S A 2 1.10 3.64 2.57
CA 81S A 2 0.88 2.84 1.35
CB 81S A 2 1.98 1.75 1.23
CG 81S A 2 3.44 2.05 1.64
CD1 81S A 2 3.99 3.24 0.84
SE 81S A 2 4.88 2.84 -0.69
SD2 81S A 2 3.69 2.21 3.44
C 81S A 2 -0.50 2.18 1.18
O 81S A 2 -0.76 1.60 0.12
H 81S A 2 1.90 3.39 3.14
HA 81S A 2 0.99 3.52 0.50
H5 81S A 2 1.66 0.86 1.75
H6 81S A 2 1.98 1.47 0.18
H7 81S A 2 4.05 1.18 1.37
H8 81S A 2 3.20 3.95 0.62
H9 81S A 2 4.69 3.79 1.49
N ALA A 3 -1.39 2.23 2.18
CA ALA A 3 -2.76 1.69 2.10
C ALA A 3 -3.53 2.12 0.83
N SER A 4 -3.33 3.35 0.37
CA SER A 4 -3.93 3.90 -0.87
C SER A 4 -3.25 3.47 -2.18
N ASP A 5 -2.08 2.82 -2.11
CA ASP A 5 -1.14 2.71 -3.22
C ASP A 5 -1.39 1.45 -4.09
N PRO A 6 -1.32 1.54 -5.42
CA PRO A 6 -1.52 0.40 -6.30
C PRO A 6 -0.57 -0.80 -6.10
N ARG A 7 0.62 -0.63 -5.49
CA ARG A 7 1.54 -1.74 -5.23
C ARG A 7 1.73 -1.88 -3.73
N CYS A 8 2.31 -0.86 -3.10
CA CYS A 8 2.85 -0.97 -1.75
C CYS A 8 1.81 -1.15 -0.63
N ALA A 9 0.52 -1.13 -0.96
CA ALA A 9 -0.55 -1.77 -0.18
C ALA A 9 -0.22 -3.22 0.24
N TRP A 10 0.65 -3.96 -0.49
CA TRP A 10 1.18 -5.27 -0.08
C TRP A 10 2.10 -5.26 1.17
N ARG A 11 2.29 -4.11 1.82
CA ARG A 11 2.85 -3.99 3.18
C ARG A 11 2.03 -3.12 4.13
N CYS A 12 1.46 -2.00 3.68
CA CYS A 12 0.81 -1.02 4.58
C CYS A 12 -0.71 -0.91 4.38
N NH2 A 13 -1.43 -0.54 5.43
HN1 NH2 A 13 -0.99 -0.41 6.33
HN2 NH2 A 13 -2.44 -0.49 5.35
N GLY A 1 2.82 7.14 3.29
CA GLY A 1 2.29 5.78 3.50
C GLY A 1 1.82 5.17 2.20
N 81S A 2 1.39 3.91 2.23
CA 81S A 2 0.99 3.13 1.04
CB 81S A 2 1.97 1.96 0.79
CG 81S A 2 3.49 2.13 0.96
CD1 81S A 2 3.98 3.36 0.17
SE 81S A 2 4.69 3.05 -1.47
SD2 81S A 2 4.01 2.10 2.70
C 81S A 2 -0.44 2.53 1.08
O 81S A 2 -0.82 1.88 0.11
H 81S A 2 1.35 3.44 3.14
HA 81S A 2 1.01 3.78 0.16
H5 81S A 2 1.67 1.14 1.44
H6 81S A 2 1.78 1.61 -0.22
H7 81S A 2 3.97 1.25 0.53
H8 81S A 2 3.17 4.08 0.05
H9 81S A 2 4.73 3.88 0.78
N ALA A 3 -1.17 2.66 2.18
CA ALA A 3 -2.38 1.87 2.48
C ALA A 3 -3.48 1.84 1.38
N SER A 4 -3.52 2.85 0.49
CA SER A 4 -4.43 2.92 -0.67
C SER A 4 -3.70 2.99 -2.03
N ASP A 5 -2.40 2.69 -2.10
CA ASP A 5 -1.62 2.71 -3.35
C ASP A 5 -1.63 1.34 -4.09
N PRO A 6 -1.78 1.31 -5.43
CA PRO A 6 -1.86 0.06 -6.21
C PRO A 6 -0.67 -0.92 -6.12
N ARG A 7 0.55 -0.49 -5.73
CA ARG A 7 1.75 -1.35 -5.84
C ARG A 7 2.30 -1.75 -4.47
N CYS A 8 2.22 -0.84 -3.50
CA CYS A 8 2.98 -0.95 -2.26
C CYS A 8 2.14 -1.06 -0.97
N ALA A 9 0.80 -1.11 -1.07
CA ALA A 9 -0.11 -1.33 0.05
C ALA A 9 0.07 -2.70 0.73
N TRP A 10 0.55 -3.71 0.01
CA TRP A 10 0.55 -5.12 0.44
C TRP A 10 1.10 -5.40 1.85
N ARG A 11 2.15 -4.69 2.28
CA ARG A 11 2.74 -4.79 3.64
C ARG A 11 2.31 -3.66 4.57
N CYS A 12 2.07 -2.46 4.02
CA CYS A 12 1.85 -1.25 4.83
C CYS A 12 0.48 -1.18 5.53
N NH2 A 13 0.45 -0.61 6.73
HN1 NH2 A 13 1.30 -0.27 7.15
HN2 NH2 A 13 -0.42 -0.59 7.24
N GLY A 1 3.74 6.86 3.11
CA GLY A 1 2.67 5.92 3.45
C GLY A 1 1.97 5.41 2.21
N 81S A 2 1.54 4.15 2.22
CA 81S A 2 1.08 3.41 1.03
CB 81S A 2 2.00 2.21 0.78
CG 81S A 2 3.53 2.30 0.96
CD1 81S A 2 4.06 3.49 0.14
SE 81S A 2 4.74 3.11 -1.51
SD2 81S A 2 4.02 2.27 2.71
C 81S A 2 -0.36 2.84 1.12
O 81S A 2 -0.75 2.05 0.28
H 81S A 2 1.63 3.63 3.09
HA 81S A 2 1.09 4.06 0.14
H5 81S A 2 1.65 1.43 1.43
H6 81S A 2 1.81 1.86 -0.24
H7 81S A 2 3.98 1.39 0.54
H8 81S A 2 3.28 4.23 0.01
H9 81S A 2 4.85 3.98 0.71
N ALA A 3 -1.08 3.17 2.19
CA ALA A 3 -2.28 2.48 2.67
C ALA A 3 -3.38 2.22 1.62
N SER A 4 -3.45 3.03 0.56
CA SER A 4 -4.39 2.90 -0.56
C SER A 4 -3.69 2.83 -1.94
N ASP A 5 -2.37 2.61 -2.00
CA ASP A 5 -1.61 2.45 -3.25
C ASP A 5 -1.74 1.01 -3.82
N PRO A 6 -1.98 0.84 -5.14
CA PRO A 6 -2.10 -0.48 -5.75
C PRO A 6 -0.89 -1.41 -5.59
N ARG A 7 0.35 -0.88 -5.50
CA ARG A 7 1.58 -1.70 -5.63
C ARG A 7 2.24 -1.90 -4.28
N CYS A 8 2.14 -0.90 -3.41
CA CYS A 8 2.87 -0.85 -2.15
C CYS A 8 2.02 -0.82 -0.87
N ALA A 9 0.70 -1.00 -0.92
CA ALA A 9 -0.09 -1.37 0.27
C ALA A 9 0.22 -2.79 0.80
N TRP A 10 0.96 -3.59 0.02
CA TRP A 10 1.27 -5.01 0.22
C TRP A 10 1.59 -5.45 1.67
N ARG A 11 2.38 -4.68 2.43
CA ARG A 11 2.53 -4.78 3.92
C ARG A 11 1.94 -3.56 4.64
N CYS A 12 2.05 -2.37 4.04
CA CYS A 12 1.67 -1.09 4.68
C CYS A 12 0.17 -0.98 5.05
N NH2 A 13 -0.16 -0.37 6.17
HN1 NH2 A 13 0.57 0.00 6.79
HN2 NH2 A 13 -1.13 -0.22 6.40
N GLY A 1 -0.38 5.78 4.28
CA GLY A 1 0.61 5.63 3.21
C GLY A 1 0.15 4.60 2.22
N 81S A 2 0.90 3.51 2.03
CA 81S A 2 0.68 2.57 0.92
CB 81S A 2 1.83 1.54 0.83
CG 81S A 2 3.29 1.97 1.04
CD1 81S A 2 3.66 3.12 0.09
SE 81S A 2 4.34 2.66 -1.54
SD2 81S A 2 3.72 2.33 2.76
C 81S A 2 -0.69 1.84 0.90
O 81S A 2 -1.05 1.29 -0.13
H 81S A 2 1.77 3.42 2.54
HA 81S A 2 0.70 3.15 0.00
H5 81S A 2 1.62 0.69 1.48
H6 81S A 2 1.75 1.11 -0.17
H7 81S A 2 3.94 1.12 0.77
H8 81S A 2 2.82 3.80 -0.07
H9 81S A 2 4.43 3.73 0.57
N ALA A 3 -1.48 1.87 1.98
CA ALA A 3 -2.89 1.47 1.95
C ALA A 3 -3.68 2.21 0.83
N SER A 4 -3.35 3.48 0.57
CA SER A 4 -3.89 4.29 -0.52
C SER A 4 -3.33 3.96 -1.92
N ASP A 5 -2.45 2.96 -2.08
CA ASP A 5 -1.74 2.67 -3.34
C ASP A 5 -1.85 1.19 -3.79
N PRO A 6 -2.13 0.91 -5.08
CA PRO A 6 -2.19 -0.45 -5.62
C PRO A 6 -0.93 -1.33 -5.51
N ARG A 7 0.29 -0.77 -5.46
CA ARG A 7 1.53 -1.55 -5.70
C ARG A 7 2.30 -1.88 -4.43
N CYS A 8 1.87 -1.30 -3.30
CA CYS A 8 2.56 -1.40 -2.02
C CYS A 8 1.64 -1.50 -0.77
N ALA A 9 0.31 -1.55 -0.94
CA ALA A 9 -0.63 -2.02 0.09
C ALA A 9 -0.18 -3.35 0.73
N TRP A 10 0.50 -4.15 -0.08
CA TRP A 10 1.37 -5.31 0.22
C TRP A 10 2.02 -5.38 1.62
N ARG A 11 2.43 -4.26 2.23
CA ARG A 11 2.94 -4.22 3.63
C ARG A 11 2.38 -3.09 4.51
N CYS A 12 1.84 -2.01 3.94
CA CYS A 12 1.29 -0.90 4.74
C CYS A 12 -0.24 -0.92 4.83
N NH2 A 13 -0.80 -0.62 6.00
HN1 NH2 A 13 -0.21 -0.39 6.78
HN2 NH2 A 13 -1.80 -0.63 6.09
N GLY A 1 -0.27 7.07 2.35
CA GLY A 1 -0.45 5.76 2.97
C GLY A 1 -0.48 4.66 1.92
N 81S A 2 0.16 3.51 2.15
CA 81S A 2 0.15 2.38 1.20
CB 81S A 2 1.27 1.35 1.50
CG 81S A 2 2.60 1.82 2.14
CD1 81S A 2 3.22 2.96 1.32
SE 81S A 2 4.05 2.59 -0.26
SD2 81S A 2 2.46 2.27 3.88
C 81S A 2 -1.23 1.70 1.07
O 81S A 2 -1.54 1.10 0.04
H 81S A 2 0.62 3.39 3.04
HA 81S A 2 0.37 2.80 0.22
H5 81S A 2 0.86 0.52 2.06
H6 81S A 2 1.51 0.90 0.54
H7 81S A 2 3.30 0.98 2.10
H8 81S A 2 2.49 3.76 1.14
H9 81S A 2 3.98 3.43 1.96
N ALA A 3 -2.11 1.89 2.06
CA ALA A 3 -3.54 1.57 1.95
C ALA A 3 -4.28 2.39 0.87
N SER A 4 -3.62 3.41 0.29
CA SER A 4 -4.07 4.21 -0.87
C SER A 4 -3.15 4.07 -2.11
N ASP A 5 -2.11 3.24 -2.07
CA ASP A 5 -1.17 2.95 -3.18
C ASP A 5 -1.13 1.41 -3.45
N PRO A 6 -1.99 0.89 -4.35
CA PRO A 6 -2.29 -0.55 -4.46
C PRO A 6 -1.07 -1.49 -4.57
N ARG A 7 -0.05 -1.14 -5.35
CA ARG A 7 1.14 -1.99 -5.53
C ARG A 7 2.15 -1.94 -4.37
N CYS A 8 1.83 -1.21 -3.30
CA CYS A 8 2.52 -1.19 -2.00
C CYS A 8 1.64 -1.75 -0.87
N ALA A 9 0.39 -2.16 -1.16
CA ALA A 9 -0.60 -2.51 -0.14
C ALA A 9 -0.22 -3.77 0.69
N TRP A 10 0.64 -4.64 0.17
CA TRP A 10 1.28 -5.73 0.95
C TRP A 10 1.99 -5.20 2.21
N ARG A 11 2.68 -4.05 2.09
CA ARG A 11 3.51 -3.44 3.14
C ARG A 11 2.64 -2.95 4.29
N CYS A 12 1.57 -2.22 3.96
CA CYS A 12 0.65 -1.59 4.92
C CYS A 12 -0.82 -1.90 4.56
N NH2 A 13 -1.55 -2.52 5.48
HN1 NH2 A 13 -1.15 -2.74 6.39
HN2 NH2 A 13 -2.52 -2.72 5.28
N GLY A 1 2.58 6.28 4.47
CA GLY A 1 1.59 5.20 4.43
C GLY A 1 1.27 4.81 3.00
N 81S A 2 0.82 3.58 2.79
CA 81S A 2 0.61 3.00 1.45
CB 81S A 2 1.63 1.86 1.22
CG 81S A 2 3.14 2.07 1.45
CD1 81S A 2 3.66 3.30 0.71
SE 81S A 2 4.48 2.98 -0.89
SD2 81S A 2 3.60 2.04 3.20
C 81S A 2 -0.82 2.44 1.17
O 81S A 2 -1.07 1.95 0.08
H 81S A 2 0.68 2.98 3.60
HA 81S A 2 0.76 3.76 0.68
H5 81S A 2 1.30 1.02 1.83
H6 81S A 2 1.50 1.56 0.18
H7 81S A 2 3.65 1.20 1.03
H8 81S A 2 2.86 4.02 0.54
H9 81S A 2 4.37 3.82 1.35
N ALA A 3 -1.73 2.48 2.14
CA ALA A 3 -3.07 1.87 2.05
C ALA A 3 -3.83 2.19 0.74
N SER A 4 -3.78 3.43 0.27
CA SER A 4 -4.41 3.91 -0.98
C SER A 4 -3.52 3.78 -2.24
N ASP A 5 -2.41 3.02 -2.19
CA ASP A 5 -1.57 2.65 -3.34
C ASP A 5 -1.73 1.15 -3.70
N PRO A 6 -1.99 0.77 -4.97
CA PRO A 6 -2.23 -0.61 -5.36
C PRO A 6 -1.02 -1.57 -5.31
N ARG A 7 0.23 -1.08 -5.22
CA ARG A 7 1.45 -1.89 -5.39
C ARG A 7 2.34 -1.87 -4.15
N CYS A 8 2.06 -0.98 -3.19
CA CYS A 8 2.74 -0.96 -1.91
C CYS A 8 1.84 -0.95 -0.67
N ALA A 9 0.51 -1.00 -0.77
CA ALA A 9 -0.34 -1.46 0.33
C ALA A 9 0.06 -2.88 0.81
N TRP A 10 0.67 -3.66 -0.10
CA TRP A 10 1.18 -5.02 -0.01
C TRP A 10 1.49 -5.51 1.40
N ARG A 11 2.43 -4.88 2.11
CA ARG A 11 2.82 -5.21 3.49
C ARG A 11 2.95 -3.97 4.41
N CYS A 12 2.29 -2.87 4.04
CA CYS A 12 2.02 -1.76 4.96
C CYS A 12 0.66 -1.93 5.66
N NH2 A 13 0.56 -1.51 6.91
HN1 NH2 A 13 1.37 -1.16 7.41
HN2 NH2 A 13 -0.34 -1.58 7.37
N GLY A 1 2.29 6.71 4.16
CA GLY A 1 1.52 5.45 4.18
C GLY A 1 1.17 5.00 2.78
N 81S A 2 0.51 3.86 2.66
CA 81S A 2 0.12 3.22 1.38
CB 81S A 2 0.87 1.88 1.29
CG 81S A 2 2.42 1.85 1.40
CD1 81S A 2 3.03 2.94 0.51
SE 81S A 2 4.72 2.65 -0.08
SD2 81S A 2 3.07 1.88 3.08
C 81S A 2 -1.39 2.92 1.24
O 81S A 2 -1.80 2.18 0.36
H 81S A 2 0.32 3.34 3.52
HA 81S A 2 0.39 3.85 0.55
H5 81S A 2 0.44 1.25 2.06
H6 81S A 2 0.62 1.43 0.33
H7 81S A 2 2.72 0.88 1.02
H8 81S A 2 2.41 3.10 -0.37
H9 81S A 2 3.03 3.89 1.06
N ALA A 3 -2.20 3.44 2.18
CA ALA A 3 -3.62 3.15 2.35
C ALA A 3 -4.49 3.20 1.07
N SER A 4 -4.09 3.97 0.06
CA SER A 4 -4.70 4.03 -1.27
C SER A 4 -3.67 3.86 -2.41
N ASP A 5 -2.68 2.97 -2.24
CA ASP A 5 -1.74 2.55 -3.28
C ASP A 5 -1.45 1.03 -3.25
N PRO A 6 -2.27 0.19 -3.92
CA PRO A 6 -2.18 -1.27 -3.87
C PRO A 6 -0.79 -1.86 -4.18
N ARG A 7 -0.01 -1.22 -5.08
CA ARG A 7 1.36 -1.64 -5.46
C ARG A 7 2.43 -1.39 -4.39
N CYS A 8 2.06 -0.87 -3.22
CA CYS A 8 2.89 -0.88 -2.00
C CYS A 8 2.13 -1.37 -0.76
N ALA A 9 0.79 -1.27 -0.76
CA ALA A 9 -0.04 -1.63 0.39
C ALA A 9 0.12 -3.09 0.86
N TRP A 10 0.64 -3.97 -0.02
CA TRP A 10 0.83 -5.41 0.16
C TRP A 10 1.74 -5.85 1.31
N ARG A 11 2.56 -4.95 1.88
CA ARG A 11 3.25 -5.14 3.19
C ARG A 11 2.92 -4.07 4.24
N CYS A 12 2.16 -3.03 3.88
CA CYS A 12 1.68 -1.99 4.80
C CYS A 12 0.31 -2.30 5.43
N NH2 A 13 -0.05 -3.56 5.63
HN1 NH2 A 13 0.59 -4.31 5.42
HN2 NH2 A 13 -0.95 -3.76 6.05
N GLY A 1 3.15 5.44 4.43
CA GLY A 1 1.70 5.23 4.33
C GLY A 1 1.29 4.98 2.90
N 81S A 2 0.76 3.79 2.62
CA 81S A 2 0.49 3.25 1.28
CB 81S A 2 1.45 2.07 1.04
CG 81S A 2 2.97 2.26 1.27
CD1 81S A 2 3.51 3.52 0.58
SE 81S A 2 3.95 3.43 -1.17
SD2 81S A 2 3.46 2.18 3.00
C 81S A 2 -0.95 2.73 1.06
O 81S A 2 -1.24 2.10 0.04
H 81S A 2 0.61 3.16 3.41
HA 81S A 2 0.66 4.01 0.51
H5 81S A 2 1.12 1.26 1.69
H6 81S A 2 1.31 1.74 0.02
H7 81S A 2 3.47 1.38 0.84
H8 81S A 2 2.79 4.32 0.71
H9 81S A 2 4.42 3.82 1.13
N ALA A 3 -1.83 2.91 2.04
CA ALA A 3 -3.16 2.29 2.15
C ALA A 3 -4.04 2.37 0.89
N SER A 4 -3.91 3.42 0.08
CA SER A 4 -4.61 3.63 -1.20
C SER A 4 -3.65 3.72 -2.42
N ASP A 5 -2.45 3.16 -2.31
CA ASP A 5 -1.58 2.80 -3.45
C ASP A 5 -1.33 1.28 -3.47
N PRO A 6 -2.23 0.46 -4.06
CA PRO A 6 -2.22 -1.00 -3.94
C PRO A 6 -0.90 -1.70 -4.34
N ARG A 7 -0.14 -1.12 -5.29
CA ARG A 7 1.21 -1.57 -5.69
C ARG A 7 2.25 -1.56 -4.56
N CYS A 8 1.91 -0.90 -3.45
CA CYS A 8 2.73 -0.62 -2.26
C CYS A 8 2.04 -0.99 -0.94
N ALA A 9 0.80 -1.48 -0.96
CA ALA A 9 -0.01 -1.70 0.23
C ALA A 9 0.12 -3.12 0.84
N TRP A 10 0.79 -4.02 0.14
CA TRP A 10 0.82 -5.47 0.41
C TRP A 10 1.55 -5.90 1.69
N ARG A 11 2.41 -5.05 2.26
CA ARG A 11 3.01 -5.19 3.61
C ARG A 11 2.77 -3.99 4.53
N CYS A 12 2.54 -2.78 4.00
CA CYS A 12 2.19 -1.62 4.83
C CYS A 12 0.90 -1.80 5.65
N NH2 A 13 0.82 -1.18 6.81
HN1 NH2 A 13 1.62 -0.67 7.18
HN2 NH2 A 13 -0.01 -1.27 7.37
#